data_3PB7
#
_entry.id   3PB7
#
_cell.length_a   53.366
_cell.length_b   69.917
_cell.length_c   77.420
_cell.angle_alpha   90.00
_cell.angle_beta   90.00
_cell.angle_gamma   90.00
#
_symmetry.space_group_name_H-M   'P 21 21 21'
#
loop_
_entity.id
_entity.type
_entity.pdbx_description
1 polymer 'Glutaminyl-peptide cyclotransferase-like protein'
2 non-polymer 1-(3,4-dimethoxyphenyl)-3-[3-(1H-imidazol-1-yl)propyl]thiourea
3 non-polymer 'ZINC ION'
4 water water
#
_entity_poly.entity_id   1
_entity_poly.type   'polypeptide(L)'
_entity_poly.pdbx_seq_one_letter_code
;SGWHRRTEELPLGRELRVPLIGSLPEARLRRVVGQLDPQRLWSTYLRPLLVVRTPGSPGNLQVRKFLEATLRSLTAGWHV
ELDPFTASTPLGPVDFGNVVATLDPRAARHLTLACHYDSKLFPPGSTPFVGATDSAVPCALLLELAQALDLELSRAKKQA
APVTLQLLFLDGEEALKEWGPKDSLYGSRHLAQLMESIPHSPGPTRIQAIELFMLLDLLGAPNPTFYSHFPRTVRWFHRL
RSIEKRLHRLNLLQSHPQEVMYFQPGEPFGSVEDDHIPFLRRGVPVLHLISTPFPAVWHTPADTEVNLHPPTVHNLCRIL
AVFLAEYLGL
;
_entity_poly.pdbx_strand_id   X
#
loop_
_chem_comp.id
_chem_comp.type
_chem_comp.name
_chem_comp.formula
PBD non-polymer 1-(3,4-dimethoxyphenyl)-3-[3-(1H-imidazol-1-yl)propyl]thiourea 'C15 H20 N4 O2 S'
ZN non-polymer 'ZINC ION' 'Zn 2'
#
# COMPACT_ATOMS: atom_id res chain seq x y z
N GLY A 22 11.06 -20.41 0.11
CA GLY A 22 9.86 -21.10 -0.49
C GLY A 22 9.17 -20.42 -1.67
N SER A 23 9.64 -20.67 -2.88
CA SER A 23 8.98 -20.12 -4.05
C SER A 23 7.78 -21.00 -4.45
N LEU A 24 6.75 -20.40 -5.03
CA LEU A 24 5.59 -21.19 -5.48
C LEU A 24 6.00 -22.15 -6.58
N PRO A 25 5.46 -23.39 -6.54
CA PRO A 25 5.52 -24.19 -7.81
C PRO A 25 4.87 -23.47 -8.96
N GLU A 26 5.35 -23.69 -10.20
CA GLU A 26 4.85 -22.95 -11.33
C GLU A 26 3.32 -23.04 -11.53
N ALA A 27 2.75 -24.25 -11.42
CA ALA A 27 1.33 -24.43 -11.66
C ALA A 27 0.53 -23.63 -10.64
N ARG A 28 0.98 -23.62 -9.40
CA ARG A 28 0.33 -22.86 -8.34
C ARG A 28 0.50 -21.32 -8.58
N LEU A 29 1.67 -20.89 -8.96
CA LEU A 29 1.87 -19.51 -9.36
C LEU A 29 0.90 -19.06 -10.45
N ARG A 30 0.73 -19.88 -11.48
CA ARG A 30 -0.20 -19.52 -12.54
C ARG A 30 -1.64 -19.46 -12.03
N ARG A 31 -2.03 -20.34 -11.11
CA ARG A 31 -3.35 -20.27 -10.49
C ARG A 31 -3.50 -18.94 -9.66
N VAL A 32 -2.51 -18.59 -8.85
CA VAL A 32 -2.58 -17.33 -8.07
C VAL A 32 -2.72 -16.16 -9.04
N VAL A 33 -1.92 -16.09 -10.11
CA VAL A 33 -2.03 -14.96 -11.04
C VAL A 33 -3.45 -14.99 -11.65
N GLY A 34 -3.99 -16.19 -11.95
CA GLY A 34 -5.33 -16.36 -12.53
C GLY A 34 -6.42 -15.88 -11.58
N GLN A 35 -6.15 -15.72 -10.27
CA GLN A 35 -7.18 -15.28 -9.30
C GLN A 35 -7.32 -13.76 -9.35
N LEU A 36 -6.37 -13.04 -9.94
CA LEU A 36 -6.47 -11.59 -10.12
C LEU A 36 -7.50 -11.32 -11.18
N ASP A 37 -8.22 -10.22 -11.00
CA ASP A 37 -9.19 -9.78 -11.97
C ASP A 37 -8.86 -8.34 -12.36
N PRO A 38 -8.23 -8.13 -13.54
CA PRO A 38 -7.82 -6.73 -13.87
C PRO A 38 -9.01 -5.77 -13.96
N GLN A 39 -10.17 -6.20 -14.45
CA GLN A 39 -11.35 -5.35 -14.48
C GLN A 39 -11.86 -5.02 -13.13
N ARG A 40 -11.82 -5.97 -12.19
CA ARG A 40 -12.22 -5.64 -10.85
C ARG A 40 -11.31 -4.58 -10.23
N LEU A 41 -10.00 -4.82 -10.35
CA LEU A 41 -9.04 -3.82 -9.84
C LEU A 41 -9.40 -2.45 -10.42
N TRP A 42 -9.61 -2.37 -11.73
CA TRP A 42 -9.72 -1.07 -12.34
C TRP A 42 -11.03 -0.38 -12.02
N SER A 43 -12.12 -1.14 -12.13
CA SER A 43 -13.47 -0.56 -12.02
C SER A 43 -14.05 -0.57 -10.61
N THR A 44 -13.86 -1.71 -9.91
CA THR A 44 -14.42 -1.88 -8.57
C THR A 44 -13.56 -1.16 -7.52
N TYR A 45 -12.21 -1.21 -7.64
CA TYR A 45 -11.31 -0.67 -6.62
C TYR A 45 -10.67 0.65 -6.96
N LEU A 46 -10.26 0.88 -8.20
CA LEU A 46 -9.57 2.09 -8.57
C LEU A 46 -10.46 3.28 -8.91
N ARG A 47 -11.38 3.06 -9.85
CA ARG A 47 -12.20 4.13 -10.32
C ARG A 47 -12.93 4.89 -9.18
N PRO A 48 -13.56 4.18 -8.21
CA PRO A 48 -14.33 4.90 -7.16
C PRO A 48 -13.36 5.80 -6.33
N LEU A 49 -12.06 5.51 -6.31
CA LEU A 49 -11.12 6.31 -5.49
C LEU A 49 -10.72 7.60 -6.11
N LEU A 50 -10.90 7.69 -7.45
CA LEU A 50 -10.34 8.79 -8.19
C LEU A 50 -11.18 10.09 -8.10
N VAL A 51 -11.29 10.60 -6.86
CA VAL A 51 -12.05 11.78 -6.54
C VAL A 51 -11.17 12.63 -5.68
N VAL A 52 -11.48 13.90 -5.58
CA VAL A 52 -10.75 14.77 -4.64
C VAL A 52 -11.05 14.22 -3.20
N ARG A 53 -9.99 14.06 -2.39
CA ARG A 53 -10.15 13.38 -1.13
C ARG A 53 -9.14 13.97 -0.15
N THR A 54 -9.11 15.31 -0.06
CA THR A 54 -8.21 15.97 0.84
C THR A 54 -8.74 15.78 2.29
N PRO A 55 -7.86 15.82 3.29
CA PRO A 55 -8.31 15.54 4.65
C PRO A 55 -9.47 16.45 5.06
N GLY A 56 -10.48 15.87 5.69
CA GLY A 56 -11.64 16.64 6.16
C GLY A 56 -12.71 16.78 5.12
N SER A 57 -12.41 16.53 3.83
CA SER A 57 -13.41 16.71 2.76
C SER A 57 -14.46 15.66 2.76
N PRO A 58 -15.64 15.98 2.21
CA PRO A 58 -16.64 14.91 1.92
C PRO A 58 -16.08 13.78 1.08
N GLY A 59 -15.29 14.12 0.05
CA GLY A 59 -14.81 13.02 -0.75
C GLY A 59 -13.86 12.11 0.00
N ASN A 60 -13.04 12.66 0.91
CA ASN A 60 -12.19 11.85 1.76
C ASN A 60 -13.04 10.97 2.68
N LEU A 61 -14.13 11.52 3.25
CA LEU A 61 -15.02 10.70 4.07
C LEU A 61 -15.65 9.58 3.23
N GLN A 62 -16.03 9.90 1.99
CA GLN A 62 -16.73 8.89 1.18
C GLN A 62 -15.72 7.78 0.77
N VAL A 63 -14.47 8.16 0.45
CA VAL A 63 -13.47 7.15 0.15
C VAL A 63 -13.17 6.26 1.40
N ARG A 64 -13.08 6.89 2.59
CA ARG A 64 -12.88 6.15 3.84
C ARG A 64 -13.99 5.14 4.06
N LYS A 65 -15.27 5.54 3.85
CA LYS A 65 -16.38 4.62 4.02
C LYS A 65 -16.34 3.50 2.95
N PHE A 66 -15.98 3.85 1.73
CA PHE A 66 -15.85 2.87 0.69
C PHE A 66 -14.78 1.79 1.03
N LEU A 67 -13.61 2.25 1.53
CA LEU A 67 -12.58 1.31 1.89
C LEU A 67 -13.06 0.43 3.00
N GLU A 68 -13.68 1.00 4.06
CA GLU A 68 -14.10 0.19 5.19
C GLU A 68 -15.12 -0.86 4.74
N ALA A 69 -16.14 -0.44 3.99
CA ALA A 69 -17.23 -1.38 3.65
C ALA A 69 -16.65 -2.45 2.71
N THR A 70 -15.74 -2.12 1.81
CA THR A 70 -15.17 -3.12 0.90
C THR A 70 -14.42 -4.13 1.77
N LEU A 71 -13.56 -3.65 2.66
CA LEU A 71 -12.82 -4.57 3.55
C LEU A 71 -13.68 -5.46 4.42
N ARG A 72 -14.78 -4.90 4.97
CA ARG A 72 -15.67 -5.71 5.83
C ARG A 72 -16.40 -6.78 4.98
N SER A 73 -16.59 -6.55 3.67
CA SER A 73 -17.32 -7.54 2.85
C SER A 73 -16.52 -8.81 2.53
N LEU A 74 -15.21 -8.74 2.68
CA LEU A 74 -14.34 -9.88 2.33
C LEU A 74 -14.71 -11.13 3.17
N THR A 75 -14.83 -12.32 2.56
CA THR A 75 -15.27 -13.50 3.34
C THR A 75 -14.34 -13.91 4.45
N ALA A 76 -13.07 -13.55 4.33
CA ALA A 76 -12.12 -13.87 5.38
C ALA A 76 -12.42 -13.31 6.76
N GLY A 77 -13.29 -12.26 6.82
CA GLY A 77 -13.74 -11.76 8.12
C GLY A 77 -12.67 -10.95 8.79
N TRP A 78 -12.15 -9.94 8.07
CA TRP A 78 -11.16 -9.03 8.63
C TRP A 78 -11.71 -8.21 9.78
N HIS A 79 -10.84 -7.85 10.70
CA HIS A 79 -11.13 -6.84 11.72
C HIS A 79 -10.80 -5.47 11.10
N VAL A 80 -11.79 -4.61 11.01
CA VAL A 80 -11.63 -3.32 10.32
C VAL A 80 -11.98 -2.24 11.32
N GLU A 81 -11.05 -1.34 11.58
CA GLU A 81 -11.33 -0.28 12.56
C GLU A 81 -10.79 1.05 12.02
N LEU A 82 -11.46 2.13 12.37
CA LEU A 82 -10.92 3.47 12.16
C LEU A 82 -10.04 3.97 13.31
N ASP A 83 -8.98 4.74 12.97
CA ASP A 83 -8.23 5.51 13.94
C ASP A 83 -8.58 6.99 13.63
N PRO A 84 -9.63 7.54 14.30
CA PRO A 84 -10.00 8.96 14.11
C PRO A 84 -9.30 9.85 15.08
N PHE A 85 -8.91 11.02 14.61
CA PHE A 85 -8.27 12.04 15.46
C PHE A 85 -8.36 13.40 14.83
N THR A 86 -8.27 14.43 15.65
CA THR A 86 -8.22 15.80 15.15
C THR A 86 -6.84 16.34 15.43
N ALA A 87 -6.28 16.98 14.46
CA ALA A 87 -4.98 17.59 14.66
C ALA A 87 -4.97 19.04 14.18
N SER A 88 -4.09 19.86 14.75
CA SER A 88 -3.85 21.21 14.24
C SER A 88 -3.07 21.16 12.94
N THR A 89 -3.48 22.01 11.99
CA THR A 89 -2.87 22.07 10.65
C THR A 89 -2.72 23.53 10.26
N PRO A 90 -2.09 23.82 9.14
CA PRO A 90 -2.12 25.21 8.61
C PRO A 90 -3.57 25.62 8.24
N LEU A 91 -4.60 25.00 8.09
CA LEU A 91 -5.99 25.32 7.76
C LEU A 91 -6.94 25.38 8.91
N GLY A 92 -6.13 25.22 10.17
CA GLY A 92 -6.91 25.03 11.40
C GLY A 92 -7.12 23.55 11.78
N PRO A 93 -7.91 23.28 12.82
CA PRO A 93 -8.16 21.86 13.20
C PRO A 93 -8.78 21.10 12.03
N VAL A 94 -8.28 19.86 11.78
CA VAL A 94 -8.83 18.99 10.80
C VAL A 94 -8.95 17.59 11.34
N ASP A 95 -10.01 16.91 10.97
CA ASP A 95 -10.21 15.52 11.41
C ASP A 95 -9.64 14.57 10.37
N PHE A 96 -8.93 13.59 10.87
CA PHE A 96 -8.24 12.58 10.03
C PHE A 96 -8.71 11.21 10.45
N GLY A 97 -8.64 10.21 9.57
CA GLY A 97 -9.05 8.86 10.00
C GLY A 97 -8.29 7.82 9.21
N ASN A 98 -7.44 7.08 9.93
CA ASN A 98 -6.72 5.97 9.25
C ASN A 98 -7.62 4.74 9.26
N VAL A 99 -7.58 3.98 8.17
CA VAL A 99 -8.35 2.73 8.11
C VAL A 99 -7.37 1.58 8.35
N VAL A 100 -7.66 0.79 9.39
CA VAL A 100 -6.75 -0.26 9.85
C VAL A 100 -7.45 -1.61 9.71
N ALA A 101 -7.01 -2.46 8.80
CA ALA A 101 -7.60 -3.76 8.62
C ALA A 101 -6.62 -4.83 8.97
N THR A 102 -6.97 -5.62 9.98
CA THR A 102 -6.10 -6.72 10.47
C THR A 102 -6.85 -8.03 10.28
N LEU A 103 -6.33 -8.96 9.46
CA LEU A 103 -7.10 -10.15 9.09
C LEU A 103 -7.39 -11.00 10.37
N ASP A 104 -6.36 -11.33 11.16
CA ASP A 104 -6.61 -12.08 12.37
C ASP A 104 -5.99 -11.37 13.54
N PRO A 105 -6.80 -10.65 14.31
CA PRO A 105 -6.31 -9.96 15.51
C PRO A 105 -5.75 -10.87 16.58
N ARG A 106 -6.00 -12.19 16.50
CA ARG A 106 -5.39 -13.12 17.50
C ARG A 106 -3.91 -13.34 17.23
N ALA A 107 -3.48 -13.13 15.98
CA ALA A 107 -2.12 -13.55 15.56
C ALA A 107 -1.06 -12.70 16.31
N ALA A 108 0.09 -13.31 16.60
CA ALA A 108 1.21 -12.64 17.22
C ALA A 108 1.74 -11.52 16.40
N ARG A 109 1.82 -11.73 15.08
CA ARG A 109 2.52 -10.76 14.23
C ARG A 109 1.87 -10.72 12.85
N HIS A 110 2.26 -9.74 12.03
CA HIS A 110 1.68 -9.60 10.67
C HIS A 110 2.63 -8.92 9.76
N LEU A 111 2.53 -9.30 8.51
CA LEU A 111 2.98 -8.50 7.39
C LEU A 111 2.00 -7.34 7.26
N THR A 112 2.56 -6.13 7.26
CA THR A 112 1.73 -4.94 7.04
C THR A 112 2.03 -4.32 5.70
N LEU A 113 0.99 -4.16 4.88
CA LEU A 113 1.06 -3.38 3.65
C LEU A 113 0.32 -2.08 3.84
N ALA A 114 0.92 -0.99 3.38
CA ALA A 114 0.39 0.35 3.70
C ALA A 114 0.43 1.24 2.46
N CYS A 115 -0.45 2.25 2.51
CA CYS A 115 -0.44 3.32 1.51
C CYS A 115 -1.26 4.46 2.07
N HIS A 116 -1.31 5.59 1.35
CA HIS A 116 -2.14 6.73 1.84
C HIS A 116 -3.36 6.90 0.92
N TYR A 117 -4.52 7.18 1.54
CA TYR A 117 -5.71 7.34 0.73
C TYR A 117 -6.13 8.80 0.56
N ASP A 118 -5.53 9.74 1.28
CA ASP A 118 -5.81 11.14 1.01
C ASP A 118 -5.21 11.60 -0.31
N SER A 119 -5.73 12.72 -0.85
CA SER A 119 -5.09 13.38 -2.01
C SER A 119 -4.59 14.72 -1.52
N LYS A 120 -3.53 15.18 -2.13
CA LYS A 120 -2.91 16.48 -1.75
C LYS A 120 -3.81 17.67 -2.11
N LEU A 121 -3.97 18.55 -1.15
CA LEU A 121 -4.71 19.79 -1.39
C LEU A 121 -3.98 20.75 -2.31
N PHE A 122 -4.71 21.21 -3.34
CA PHE A 122 -4.29 22.32 -4.15
C PHE A 122 -5.38 23.42 -4.10
N PRO A 123 -5.00 24.68 -4.33
CA PRO A 123 -6.01 25.78 -4.23
C PRO A 123 -6.91 25.74 -5.45
N PRO A 124 -8.07 26.38 -5.37
CA PRO A 124 -9.02 26.45 -6.46
C PRO A 124 -8.44 27.06 -7.72
N GLY A 125 -9.12 26.70 -8.80
CA GLY A 125 -8.87 27.31 -10.09
C GLY A 125 -8.10 26.50 -11.10
N SER A 126 -7.75 25.25 -10.78
CA SER A 126 -7.15 24.36 -11.71
C SER A 126 -8.02 23.11 -11.88
N THR A 127 -7.58 22.24 -12.77
CA THR A 127 -8.18 20.92 -12.82
C THR A 127 -7.92 20.18 -11.45
N PRO A 128 -8.96 19.54 -10.88
CA PRO A 128 -8.76 18.96 -9.54
C PRO A 128 -7.68 17.84 -9.55
N PHE A 129 -6.93 17.79 -8.48
CA PHE A 129 -5.89 16.80 -8.28
C PHE A 129 -6.48 15.55 -7.63
N VAL A 130 -6.39 14.45 -8.33
CA VAL A 130 -6.90 13.19 -7.80
C VAL A 130 -5.82 12.19 -7.49
N GLY A 131 -4.54 12.50 -7.71
CA GLY A 131 -3.45 11.58 -7.24
C GLY A 131 -3.67 10.14 -7.68
N ALA A 132 -3.73 9.89 -9.00
CA ALA A 132 -3.98 8.51 -9.44
C ALA A 132 -2.83 7.60 -9.03
N THR A 133 -1.56 8.01 -9.22
CA THR A 133 -0.45 7.19 -8.77
C THR A 133 -0.17 7.38 -7.27
N ASP A 134 -0.77 8.41 -6.68
CA ASP A 134 -0.34 9.03 -5.41
C ASP A 134 -1.59 9.29 -4.55
N SER A 135 -2.25 8.26 -4.01
CA SER A 135 -1.90 6.85 -4.12
C SER A 135 -3.12 5.99 -4.40
N ALA A 136 -3.94 6.43 -5.34
CA ALA A 136 -5.17 5.63 -5.65
C ALA A 136 -4.78 4.24 -6.13
N VAL A 137 -3.77 4.11 -7.01
CA VAL A 137 -3.34 2.82 -7.52
C VAL A 137 -2.83 1.92 -6.37
N PRO A 138 -1.92 2.43 -5.49
CA PRO A 138 -1.54 1.62 -4.31
C PRO A 138 -2.77 1.16 -3.51
N CYS A 139 -3.80 2.04 -3.28
CA CYS A 139 -4.99 1.59 -2.51
C CYS A 139 -5.70 0.46 -3.22
N ALA A 140 -5.88 0.60 -4.55
CA ALA A 140 -6.62 -0.39 -5.34
C ALA A 140 -5.85 -1.71 -5.39
N LEU A 141 -4.52 -1.66 -5.48
CA LEU A 141 -3.72 -2.87 -5.41
C LEU A 141 -3.95 -3.63 -4.10
N LEU A 142 -3.98 -2.92 -2.94
CA LEU A 142 -4.21 -3.65 -1.69
C LEU A 142 -5.58 -4.30 -1.68
N LEU A 143 -6.63 -3.60 -2.16
CA LEU A 143 -7.94 -4.19 -2.18
C LEU A 143 -7.99 -5.39 -3.10
N GLU A 144 -7.37 -5.30 -4.28
CA GLU A 144 -7.43 -6.40 -5.17
C GLU A 144 -6.65 -7.62 -4.60
N LEU A 145 -5.52 -7.39 -3.94
CA LEU A 145 -4.78 -8.52 -3.37
C LEU A 145 -5.59 -9.21 -2.30
N ALA A 146 -6.25 -8.43 -1.44
CA ALA A 146 -7.09 -9.00 -0.36
C ALA A 146 -8.25 -9.82 -0.97
N GLN A 147 -8.87 -9.31 -2.03
CA GLN A 147 -9.96 -10.03 -2.69
C GLN A 147 -9.44 -11.27 -3.42
N ALA A 148 -8.37 -11.11 -4.19
CA ALA A 148 -7.94 -12.23 -5.04
C ALA A 148 -7.46 -13.38 -4.21
N LEU A 149 -6.87 -13.14 -3.04
CA LEU A 149 -6.34 -14.20 -2.13
C LEU A 149 -7.28 -14.44 -0.97
N ASP A 150 -8.57 -14.00 -1.09
CA ASP A 150 -9.52 -14.12 0.02
C ASP A 150 -9.67 -15.56 0.49
N LEU A 151 -9.77 -16.52 -0.45
CA LEU A 151 -10.10 -17.88 -0.02
C LEU A 151 -8.92 -18.39 0.84
N GLU A 152 -7.69 -18.19 0.37
CA GLU A 152 -6.51 -18.67 1.06
C GLU A 152 -6.29 -17.92 2.33
N LEU A 153 -6.56 -16.60 2.37
CA LEU A 153 -6.43 -15.83 3.61
C LEU A 153 -7.45 -16.33 4.61
N SER A 154 -8.66 -16.62 4.16
CA SER A 154 -9.70 -17.12 5.05
C SER A 154 -9.29 -18.44 5.69
N ARG A 155 -8.67 -19.30 4.88
CA ARG A 155 -8.43 -20.65 5.33
C ARG A 155 -7.19 -20.58 6.29
N ALA A 156 -6.20 -19.73 6.01
CA ALA A 156 -5.01 -19.51 6.87
C ALA A 156 -5.44 -18.93 8.23
N LYS A 157 -6.39 -17.97 8.24
CA LYS A 157 -6.87 -17.49 9.52
C LYS A 157 -7.52 -18.64 10.31
N LYS A 158 -8.35 -19.42 9.64
CA LYS A 158 -9.03 -20.55 10.36
C LYS A 158 -8.01 -21.53 10.92
N GLN A 159 -6.86 -21.70 10.26
CA GLN A 159 -5.78 -22.55 10.79
C GLN A 159 -4.96 -21.84 11.88
N ALA A 160 -5.40 -20.66 12.29
CA ALA A 160 -4.66 -19.86 13.29
C ALA A 160 -3.18 -19.65 12.88
N ALA A 161 -2.93 -19.29 11.60
CA ALA A 161 -1.57 -19.08 11.15
C ALA A 161 -0.93 -18.07 12.04
N PRO A 162 0.39 -18.21 12.22
CA PRO A 162 1.08 -17.39 13.22
C PRO A 162 1.30 -15.91 12.78
N VAL A 163 1.43 -15.73 11.45
CA VAL A 163 1.65 -14.38 10.85
C VAL A 163 0.43 -14.11 10.01
N THR A 164 -0.25 -13.02 10.35
CA THR A 164 -1.43 -12.61 9.59
C THR A 164 -1.04 -11.45 8.61
N LEU A 165 -2.06 -10.83 8.04
CA LEU A 165 -1.89 -9.74 7.08
C LEU A 165 -2.61 -8.55 7.71
N GLN A 166 -2.03 -7.37 7.54
CA GLN A 166 -2.63 -6.13 7.96
C GLN A 166 -2.48 -5.16 6.81
N LEU A 167 -3.56 -4.39 6.55
CA LEU A 167 -3.57 -3.36 5.49
C LEU A 167 -3.87 -2.04 6.18
N LEU A 168 -3.03 -1.03 5.92
CA LEU A 168 -3.21 0.29 6.44
C LEU A 168 -3.47 1.27 5.34
N PHE A 169 -4.61 1.99 5.44
CA PHE A 169 -4.88 3.07 4.45
C PHE A 169 -4.80 4.32 5.32
N LEU A 170 -3.70 5.01 5.13
CA LEU A 170 -3.37 6.14 5.99
C LEU A 170 -3.97 7.41 5.45
N ASP A 171 -4.47 8.24 6.38
CA ASP A 171 -4.99 9.60 5.97
C ASP A 171 -3.87 10.64 6.16
N GLY A 172 -4.02 11.79 5.49
CA GLY A 172 -3.14 12.90 5.74
C GLY A 172 -1.67 12.66 5.53
N GLU A 173 -1.25 11.84 4.56
CA GLU A 173 0.14 11.77 4.24
C GLU A 173 0.62 13.14 3.76
N GLU A 174 -0.14 13.80 2.91
CA GLU A 174 0.36 14.93 2.17
C GLU A 174 0.34 16.18 3.06
N ALA A 175 1.26 17.09 2.72
CA ALA A 175 1.23 18.41 3.32
C ALA A 175 -0.05 19.14 2.94
N LEU A 176 -0.64 19.89 3.89
CA LEU A 176 -1.83 20.74 3.59
C LEU A 176 -1.46 22.05 2.99
N LYS A 177 -0.27 22.53 3.31
CA LYS A 177 0.13 23.76 2.67
C LYS A 177 1.64 23.91 2.38
N GLU A 178 2.53 22.95 2.72
CA GLU A 178 4.04 22.93 2.55
C GLU A 178 4.77 21.78 3.35
N TRP A 179 5.45 20.86 2.67
CA TRP A 179 5.95 19.63 3.30
C TRP A 179 7.04 19.94 4.37
N GLY A 180 6.86 19.36 5.54
CA GLY A 180 7.90 19.41 6.55
C GLY A 180 7.53 18.53 7.72
N PRO A 181 8.40 18.50 8.70
CA PRO A 181 8.17 17.59 9.80
C PRO A 181 6.80 17.79 10.45
N LYS A 182 6.25 19.04 10.42
CA LYS A 182 4.99 19.22 11.10
C LYS A 182 3.77 19.37 10.18
N ASP A 183 3.96 19.49 8.85
CA ASP A 183 2.82 19.54 7.96
C ASP A 183 3.00 18.43 6.92
N SER A 184 2.74 17.19 7.34
CA SER A 184 2.91 15.93 6.54
C SER A 184 2.68 14.78 7.51
N LEU A 185 2.36 13.62 6.94
CA LEU A 185 2.35 12.37 7.69
C LEU A 185 1.47 12.43 8.90
N TYR A 186 0.33 13.11 8.79
CA TYR A 186 -0.52 13.28 9.97
C TYR A 186 -1.00 11.91 10.42
N GLY A 187 -1.49 11.08 9.47
CA GLY A 187 -2.11 9.81 9.82
C GLY A 187 -1.11 8.81 10.36
N SER A 188 0.03 8.67 9.67
CA SER A 188 1.04 7.72 10.10
C SER A 188 1.71 8.14 11.43
N ARG A 189 1.94 9.46 11.66
CA ARG A 189 2.50 9.85 12.95
C ARG A 189 1.53 9.45 14.03
N HIS A 190 0.25 9.68 13.80
CA HIS A 190 -0.73 9.42 14.84
C HIS A 190 -0.85 7.92 15.06
N LEU A 191 -0.91 7.15 13.98
CA LEU A 191 -1.16 5.73 14.13
C LEU A 191 0.05 5.00 14.76
N ALA A 192 1.28 5.38 14.45
CA ALA A 192 2.42 4.73 15.04
C ALA A 192 2.41 5.02 16.54
N GLN A 193 2.12 6.26 16.94
CA GLN A 193 2.06 6.58 18.36
C GLN A 193 0.91 5.75 19.06
N LEU A 194 -0.22 5.64 18.40
CA LEU A 194 -1.33 4.84 18.92
C LEU A 194 -0.94 3.38 19.09
N MET A 195 -0.31 2.80 18.10
CA MET A 195 0.07 1.41 18.23
C MET A 195 1.07 1.20 19.35
N GLU A 196 2.00 2.15 19.50
CA GLU A 196 3.00 2.08 20.58
C GLU A 196 2.26 1.99 21.94
N SER A 197 1.08 2.62 22.08
CA SER A 197 0.38 2.78 23.39
C SER A 197 -0.51 1.56 23.68
N ILE A 198 -0.66 0.62 22.74
CA ILE A 198 -1.62 -0.49 22.93
C ILE A 198 -0.90 -1.81 23.11
N PRO A 199 -1.14 -2.50 24.26
CA PRO A 199 -0.44 -3.77 24.49
C PRO A 199 -0.82 -4.79 23.45
N HIS A 200 0.13 -5.71 23.18
CA HIS A 200 -0.16 -6.83 22.29
C HIS A 200 0.71 -7.98 22.78
N SER A 201 0.26 -9.19 22.51
CA SER A 201 0.96 -10.38 22.98
C SER A 201 1.46 -11.15 21.77
N PRO A 202 2.76 -11.44 21.69
CA PRO A 202 3.77 -11.18 22.72
C PRO A 202 4.19 -9.72 22.71
N GLY A 203 4.10 -9.02 21.59
CA GLY A 203 4.38 -7.62 21.64
C GLY A 203 5.77 -7.14 22.08
N PRO A 204 5.79 -6.27 23.13
CA PRO A 204 4.74 -6.00 24.13
C PRO A 204 3.72 -4.97 23.68
N THR A 205 3.97 -4.30 22.54
CA THR A 205 2.96 -3.35 22.05
C THR A 205 2.64 -3.71 20.57
N ARG A 206 1.58 -3.09 19.99
CA ARG A 206 1.24 -3.39 18.61
C ARG A 206 2.31 -2.99 17.63
N ILE A 207 3.23 -2.08 18.02
CA ILE A 207 4.36 -1.79 17.11
C ILE A 207 5.24 -3.03 16.82
N GLN A 208 5.47 -3.84 17.86
CA GLN A 208 6.31 -5.03 17.65
C GLN A 208 5.59 -6.15 16.87
N ALA A 209 4.27 -6.04 16.74
CA ALA A 209 3.51 -7.03 15.94
C ALA A 209 3.76 -6.86 14.44
N ILE A 210 4.34 -5.73 14.01
CA ILE A 210 4.56 -5.51 12.61
C ILE A 210 5.85 -6.24 12.24
N GLU A 211 5.77 -7.39 11.55
CA GLU A 211 6.98 -8.13 11.23
C GLU A 211 7.72 -7.41 10.09
N LEU A 212 6.99 -6.82 9.15
CA LEU A 212 7.57 -6.10 7.99
C LEU A 212 6.51 -5.08 7.59
N PHE A 213 6.92 -3.83 7.36
CA PHE A 213 6.05 -2.74 6.92
C PHE A 213 6.43 -2.42 5.49
N MET A 214 5.55 -2.78 4.55
CA MET A 214 5.83 -2.57 3.16
C MET A 214 4.93 -1.42 2.68
N LEU A 215 5.52 -0.29 2.33
CA LEU A 215 4.77 0.92 1.98
C LEU A 215 4.77 1.07 0.45
N LEU A 216 3.57 1.06 -0.12
CA LEU A 216 3.40 1.26 -1.58
C LEU A 216 3.08 2.73 -1.81
N ASP A 217 3.82 3.37 -2.70
CA ASP A 217 3.52 4.75 -3.03
C ASP A 217 3.99 5.01 -4.46
N LEU A 218 3.27 5.88 -5.15
CA LEU A 218 3.70 6.44 -6.45
C LEU A 218 3.82 5.25 -7.44
N LEU A 219 2.70 4.54 -7.62
CA LEU A 219 2.61 3.39 -8.49
C LEU A 219 1.60 3.61 -9.59
N GLY A 220 1.87 3.06 -10.76
CA GLY A 220 0.89 3.08 -11.84
C GLY A 220 1.36 3.81 -13.08
N ALA A 221 2.43 4.62 -12.94
CA ALA A 221 3.01 5.28 -14.11
C ALA A 221 3.78 4.26 -14.95
N PRO A 222 4.04 4.60 -16.22
CA PRO A 222 4.90 3.68 -17.02
C PRO A 222 6.34 3.77 -16.50
N ASN A 223 7.09 2.69 -16.71
CA ASN A 223 8.53 2.59 -16.44
C ASN A 223 8.97 2.99 -15.04
N PRO A 224 8.33 2.46 -13.99
CA PRO A 224 8.77 2.74 -12.63
C PRO A 224 10.15 2.07 -12.40
N THR A 225 10.87 2.62 -11.44
CA THR A 225 12.11 1.92 -10.99
C THR A 225 12.11 2.01 -9.44
N PHE A 226 12.48 0.89 -8.78
CA PHE A 226 12.51 0.81 -7.33
C PHE A 226 13.93 0.40 -7.00
N TYR A 227 14.37 0.93 -5.86
CA TYR A 227 15.63 0.60 -5.21
C TYR A 227 15.41 0.15 -3.78
N SER A 228 16.35 -0.61 -3.24
CA SER A 228 16.26 -0.99 -1.84
C SER A 228 16.73 0.17 -0.97
N HIS A 229 15.81 0.72 -0.19
CA HIS A 229 16.07 1.84 0.68
C HIS A 229 16.63 1.44 2.04
N PHE A 230 16.47 0.15 2.44
CA PHE A 230 16.84 -0.26 3.75
C PHE A 230 17.59 -1.56 3.68
N PRO A 231 18.89 -1.51 4.02
CA PRO A 231 19.67 -2.74 4.07
C PRO A 231 19.06 -3.81 4.94
N ARG A 232 18.43 -3.43 6.03
CA ARG A 232 17.84 -4.40 6.91
C ARG A 232 16.81 -5.29 6.19
N THR A 233 16.10 -4.77 5.18
CA THR A 233 15.07 -5.58 4.51
C THR A 233 15.40 -5.94 3.09
N VAL A 234 16.69 -5.87 2.73
CA VAL A 234 17.08 -6.17 1.39
C VAL A 234 16.67 -7.57 0.90
N ARG A 235 16.59 -8.54 1.80
CA ARG A 235 16.20 -9.89 1.32
C ARG A 235 14.82 -9.87 0.68
N TRP A 236 13.92 -9.02 1.17
CA TRP A 236 12.57 -8.97 0.60
C TRP A 236 12.58 -8.23 -0.75
N PHE A 237 13.45 -7.24 -0.86
CA PHE A 237 13.67 -6.54 -2.13
C PHE A 237 14.21 -7.52 -3.19
N HIS A 238 15.19 -8.33 -2.77
CA HIS A 238 15.73 -9.37 -3.69
C HIS A 238 14.60 -10.36 -4.10
N ARG A 239 13.74 -10.71 -3.13
CA ARG A 239 12.61 -11.53 -3.52
C ARG A 239 11.68 -10.92 -4.54
N LEU A 240 11.35 -9.64 -4.37
CA LEU A 240 10.53 -9.00 -5.43
C LEU A 240 11.24 -8.99 -6.79
N ARG A 241 12.54 -8.73 -6.81
CA ARG A 241 13.29 -8.80 -8.08
C ARG A 241 13.24 -10.21 -8.76
N SER A 242 13.44 -11.22 -7.91
CA SER A 242 13.39 -12.61 -8.37
C SER A 242 11.97 -12.94 -8.93
N ILE A 243 10.92 -12.39 -8.33
CA ILE A 243 9.56 -12.60 -8.84
C ILE A 243 9.33 -11.87 -10.17
N GLU A 244 9.84 -10.64 -10.30
CA GLU A 244 9.78 -9.97 -11.60
C GLU A 244 10.42 -10.78 -12.71
N LYS A 245 11.65 -11.21 -12.45
CA LYS A 245 12.45 -12.05 -13.40
C LYS A 245 11.66 -13.30 -13.85
N ARG A 246 11.11 -14.01 -12.86
CA ARG A 246 10.36 -15.18 -13.13
C ARG A 246 9.11 -14.97 -13.97
N LEU A 247 8.25 -14.02 -13.54
CA LEU A 247 7.08 -13.72 -14.31
C LEU A 247 7.41 -13.29 -15.76
N HIS A 248 8.46 -12.49 -15.94
CA HIS A 248 8.94 -12.16 -17.29
C HIS A 248 9.20 -13.51 -18.08
N ARG A 249 9.99 -14.39 -17.47
CA ARG A 249 10.39 -15.69 -18.11
C ARG A 249 9.15 -16.51 -18.49
N LEU A 250 8.13 -16.48 -17.63
CA LEU A 250 6.93 -17.26 -17.80
C LEU A 250 5.92 -16.61 -18.70
N ASN A 251 6.27 -15.45 -19.33
CA ASN A 251 5.37 -14.77 -20.28
C ASN A 251 4.13 -14.25 -19.59
N LEU A 252 4.31 -13.78 -18.36
CA LEU A 252 3.20 -13.32 -17.56
C LEU A 252 3.29 -11.81 -17.29
N LEU A 253 4.29 -11.10 -17.84
CA LEU A 253 4.31 -9.62 -17.79
C LEU A 253 4.06 -9.00 -19.19
N GLN A 254 3.37 -7.86 -19.25
CA GLN A 254 3.27 -7.18 -20.52
C GLN A 254 4.16 -5.94 -20.62
N SER A 255 4.46 -5.47 -21.84
CA SER A 255 5.27 -4.24 -22.01
C SER A 255 6.57 -4.31 -21.19
N HIS A 256 7.17 -5.49 -21.12
CA HIS A 256 8.28 -5.74 -20.22
C HIS A 256 9.41 -6.41 -21.00
N PRO A 257 10.13 -5.63 -21.83
CA PRO A 257 11.03 -6.32 -22.78
C PRO A 257 12.37 -6.84 -22.19
N GLN A 258 12.83 -6.32 -21.05
CA GLN A 258 14.02 -6.82 -20.41
C GLN A 258 13.61 -7.57 -19.15
N GLU A 259 14.47 -8.47 -18.69
CA GLU A 259 14.22 -9.40 -17.59
C GLU A 259 13.97 -8.65 -16.29
N VAL A 260 14.83 -7.65 -16.03
CA VAL A 260 14.72 -6.83 -14.83
C VAL A 260 14.56 -5.39 -15.32
N MET A 261 13.42 -4.78 -14.99
CA MET A 261 13.16 -3.38 -15.31
C MET A 261 12.82 -2.60 -14.08
N TYR A 262 11.96 -3.19 -13.21
CA TYR A 262 11.43 -2.41 -12.10
C TYR A 262 12.34 -2.43 -10.90
N PHE A 263 12.80 -3.61 -10.49
CA PHE A 263 13.58 -3.76 -9.30
C PHE A 263 15.06 -3.66 -9.54
N GLN A 264 15.59 -2.47 -9.31
CA GLN A 264 16.92 -2.13 -9.75
C GLN A 264 17.89 -2.52 -8.65
N PRO A 265 19.07 -3.03 -9.02
CA PRO A 265 20.09 -3.34 -8.03
C PRO A 265 20.81 -2.06 -7.54
N GLY A 266 21.56 -2.16 -6.46
CA GLY A 266 22.42 -1.02 -6.17
C GLY A 266 21.75 0.09 -5.40
N GLU A 267 22.56 1.10 -5.13
CA GLU A 267 22.06 2.07 -4.25
C GLU A 267 21.03 3.04 -4.77
N PRO A 268 20.15 3.45 -3.83
CA PRO A 268 19.10 4.37 -4.21
C PRO A 268 19.70 5.75 -4.54
N PHE A 269 18.93 6.55 -5.24
CA PHE A 269 19.32 7.91 -5.54
C PHE A 269 19.13 8.92 -4.44
N GLY A 270 18.53 8.48 -3.33
CA GLY A 270 18.25 9.31 -2.18
C GLY A 270 17.09 8.67 -1.47
N SER A 271 16.90 9.01 -0.22
CA SER A 271 15.72 8.56 0.52
C SER A 271 14.55 9.51 0.33
N VAL A 272 13.36 8.99 0.66
CA VAL A 272 12.13 9.77 0.48
C VAL A 272 11.34 9.73 1.76
N GLU A 273 11.00 10.89 2.36
CA GLU A 273 10.15 10.95 3.52
C GLU A 273 8.77 10.48 3.14
N ASP A 274 8.17 9.68 4.03
CA ASP A 274 6.87 9.06 3.68
C ASP A 274 6.31 8.44 4.95
N ASP A 275 5.16 7.78 4.83
CA ASP A 275 4.39 7.22 5.93
C ASP A 275 5.13 6.15 6.74
N HIS A 276 6.21 5.60 6.15
CA HIS A 276 7.03 4.64 6.97
C HIS A 276 7.84 5.25 8.10
N ILE A 277 8.10 6.55 8.02
CA ILE A 277 9.05 7.21 8.96
C ILE A 277 8.65 7.02 10.41
N PRO A 278 7.42 7.23 10.81
CA PRO A 278 7.09 7.08 12.22
C PRO A 278 7.19 5.65 12.73
N PHE A 279 7.10 4.70 11.82
CA PHE A 279 7.30 3.31 12.17
C PHE A 279 8.78 2.96 12.17
N LEU A 280 9.53 3.37 11.12
CA LEU A 280 10.97 3.19 11.07
C LEU A 280 11.64 3.70 12.35
N ARG A 281 11.22 4.86 12.82
CA ARG A 281 11.87 5.43 14.01
C ARG A 281 11.62 4.61 15.27
N ARG A 282 10.55 3.84 15.28
CA ARG A 282 10.22 2.98 16.44
C ARG A 282 10.79 1.54 16.28
N GLY A 283 11.62 1.31 15.27
CA GLY A 283 12.30 0.05 15.15
C GLY A 283 11.59 -0.95 14.22
N VAL A 284 10.52 -0.53 13.49
CA VAL A 284 9.81 -1.44 12.60
C VAL A 284 10.64 -1.62 11.33
N PRO A 285 10.84 -2.86 10.86
CA PRO A 285 11.50 -3.06 9.55
C PRO A 285 10.61 -2.56 8.41
N VAL A 286 11.19 -1.80 7.51
CA VAL A 286 10.44 -1.22 6.43
C VAL A 286 11.03 -1.60 5.07
N LEU A 287 10.16 -1.84 4.09
CA LEU A 287 10.52 -1.83 2.69
C LEU A 287 9.71 -0.74 2.00
N HIS A 288 10.36 0.20 1.34
CA HIS A 288 9.66 1.32 0.76
C HIS A 288 9.50 1.09 -0.76
N LEU A 289 8.29 0.64 -1.17
CA LEU A 289 8.00 0.33 -2.58
C LEU A 289 7.46 1.60 -3.25
N ILE A 290 8.37 2.47 -3.60
CA ILE A 290 8.04 3.79 -4.15
C ILE A 290 8.88 3.95 -5.43
N SER A 291 8.33 4.43 -6.53
CA SER A 291 9.15 4.70 -7.70
C SER A 291 10.06 5.90 -7.48
N THR A 292 11.32 5.76 -7.85
CA THR A 292 12.29 6.84 -7.86
C THR A 292 13.11 6.64 -9.14
N PRO A 293 13.09 7.58 -10.06
CA PRO A 293 12.36 8.87 -10.03
C PRO A 293 10.87 8.70 -9.86
N PHE A 294 10.26 9.77 -9.34
CA PHE A 294 8.83 9.83 -9.23
C PHE A 294 8.18 9.84 -10.61
N PRO A 295 6.89 9.52 -10.70
CA PRO A 295 6.15 9.65 -11.96
C PRO A 295 6.34 11.05 -12.55
N ALA A 296 6.38 11.16 -13.88
CA ALA A 296 6.50 12.49 -14.52
C ALA A 296 5.39 13.42 -14.07
N VAL A 297 4.20 12.86 -13.83
CA VAL A 297 3.00 13.68 -13.51
C VAL A 297 2.96 14.08 -12.02
N TRP A 298 3.96 13.69 -11.23
CA TRP A 298 3.88 13.87 -9.77
C TRP A 298 3.49 15.28 -9.31
N HIS A 299 2.46 15.38 -8.47
CA HIS A 299 1.98 16.65 -7.88
C HIS A 299 1.68 17.70 -8.99
N THR A 300 1.13 17.18 -10.12
CA THR A 300 0.51 18.07 -11.12
C THR A 300 -0.89 17.52 -11.28
N PRO A 301 -1.81 18.34 -11.82
CA PRO A 301 -3.15 17.85 -12.06
C PRO A 301 -3.25 16.73 -13.04
N ALA A 302 -2.17 16.47 -13.81
CA ALA A 302 -2.16 15.37 -14.79
C ALA A 302 -1.95 13.97 -14.17
N ASP A 303 -1.84 13.85 -12.84
CA ASP A 303 -1.75 12.56 -12.21
C ASP A 303 -3.19 11.98 -12.13
N THR A 304 -3.64 11.43 -13.25
CA THR A 304 -5.02 10.99 -13.44
C THR A 304 -5.05 9.63 -14.09
N GLU A 305 -6.25 9.06 -14.17
CA GLU A 305 -6.45 7.75 -14.78
C GLU A 305 -5.85 7.67 -16.19
N VAL A 306 -6.06 8.69 -17.02
CA VAL A 306 -5.72 8.53 -18.43
C VAL A 306 -4.21 8.44 -18.56
N ASN A 307 -3.45 8.90 -17.57
CA ASN A 307 -1.99 8.88 -17.63
C ASN A 307 -1.40 7.68 -16.89
N LEU A 308 -2.23 6.81 -16.32
CA LEU A 308 -1.71 5.57 -15.79
C LEU A 308 -1.36 4.64 -16.93
N HIS A 309 -0.50 3.63 -16.68
CA HIS A 309 -0.16 2.64 -17.71
C HIS A 309 -0.73 1.30 -17.27
N PRO A 310 -1.92 0.92 -17.78
CA PRO A 310 -2.61 -0.28 -17.19
C PRO A 310 -1.71 -1.53 -17.17
N PRO A 311 -0.96 -1.82 -18.27
CA PRO A 311 -0.14 -3.06 -18.19
C PRO A 311 0.87 -3.03 -17.06
N THR A 312 1.37 -1.84 -16.68
CA THR A 312 2.31 -1.73 -15.55
C THR A 312 1.56 -1.97 -14.23
N VAL A 313 0.39 -1.39 -14.07
CA VAL A 313 -0.40 -1.65 -12.88
C VAL A 313 -0.60 -3.17 -12.71
N HIS A 314 -1.01 -3.86 -13.77
CA HIS A 314 -1.28 -5.27 -13.62
C HIS A 314 -0.01 -6.09 -13.41
N ASN A 315 1.11 -5.67 -14.01
CA ASN A 315 2.36 -6.36 -13.77
C ASN A 315 2.72 -6.27 -12.30
N LEU A 316 2.59 -5.04 -11.71
CA LEU A 316 2.87 -4.82 -10.32
C LEU A 316 1.92 -5.67 -9.46
N CYS A 317 0.64 -5.77 -9.86
CA CYS A 317 -0.30 -6.56 -9.06
C CYS A 317 0.12 -8.05 -9.05
N ARG A 318 0.62 -8.54 -10.18
CA ARG A 318 1.01 -9.94 -10.29
C ARG A 318 2.25 -10.19 -9.41
N ILE A 319 3.24 -9.28 -9.49
CA ILE A 319 4.45 -9.42 -8.65
C ILE A 319 4.07 -9.45 -7.17
N LEU A 320 3.19 -8.53 -6.76
CA LEU A 320 2.78 -8.44 -5.39
C LEU A 320 1.99 -9.65 -4.92
N ALA A 321 1.13 -10.18 -5.81
CA ALA A 321 0.34 -11.37 -5.46
C ALA A 321 1.22 -12.58 -5.20
N VAL A 322 2.21 -12.78 -6.07
CA VAL A 322 3.18 -13.85 -5.81
C VAL A 322 3.97 -13.62 -4.54
N PHE A 323 4.41 -12.37 -4.33
CA PHE A 323 5.10 -12.05 -3.08
C PHE A 323 4.30 -12.34 -1.84
N LEU A 324 3.04 -11.96 -1.86
CA LEU A 324 2.18 -12.14 -0.74
C LEU A 324 1.95 -13.63 -0.47
N ALA A 325 1.68 -14.38 -1.54
CA ALA A 325 1.46 -15.83 -1.40
C ALA A 325 2.70 -16.55 -0.89
N GLU A 326 3.90 -16.14 -1.35
CA GLU A 326 5.13 -16.77 -0.80
C GLU A 326 5.43 -16.33 0.61
N TYR A 327 5.20 -15.06 0.94
CA TYR A 327 5.53 -14.58 2.28
C TYR A 327 4.66 -15.26 3.35
N LEU A 328 3.34 -15.41 3.12
CA LEU A 328 2.45 -15.99 4.06
C LEU A 328 2.22 -17.49 3.84
N GLY A 329 2.90 -18.07 2.84
CA GLY A 329 2.62 -19.53 2.62
C GLY A 329 1.19 -19.89 2.21
N LEU A 330 0.61 -19.07 1.36
CA LEU A 330 -0.73 -19.26 0.78
C LEU A 330 -0.77 -20.15 -0.44
CAA PBD B . 10.08 15.24 -7.87
CAB PBD B . 13.22 11.27 -5.52
SAC PBD B . 11.72 13.90 0.80
CAD PBD B . 3.96 11.00 -2.12
CAE PBD B . 10.96 15.48 -3.70
CAF PBD B . 10.72 15.49 -5.10
CAG PBD B . 5.11 10.93 -1.41
CAH PBD B . 4.50 13.00 -1.49
CAI PBD B . 12.27 13.41 -3.94
CAJ PBD B . 7.72 12.87 -1.02
CAK PBD B . 8.87 13.40 -0.21
CAL PBD B . 6.53 12.62 -0.15
NAM PBD B . 3.62 12.30 -2.26
NAN PBD B . 9.92 13.78 -1.19
NAO PBD B . 12.00 14.36 -1.83
OAP PBD B . 11.04 14.29 -7.28
OAQ PBD B . 12.50 12.40 -6.13
CAR PBD B . 11.16 14.02 -0.86
CAS PBD B . 11.73 14.43 -3.16
CAT PBD B . 11.27 14.45 -5.90
CAU PBD B . 11.98 13.40 -5.30
NAV PBD B . 5.38 12.15 -0.97
ZN ZN C . 2.04 13.13 -3.18
#